data_6M1U
#
_entry.id   6M1U
#
_cell.length_a   139.610
_cell.length_b   139.610
_cell.length_c   53.130
_cell.angle_alpha   90.000
_cell.angle_beta   90.000
_cell.angle_gamma   120.000
#
_symmetry.space_group_name_H-M   'H 3 2'
#
_entity_poly.entity_id   1
_entity_poly.type   'polypeptide(L)'
_entity_poly.pdbx_seq_one_letter_code
;MKPITFVVLASVMKELSLKASPLRSETAEGIVVVTTWIEKILTDLKVQHKRVPCGKEEVSLFLTAIENSWIHLRRKKRER
VRQLREVPRAPEDVIQALEEKKGVAGQYLFKCLINVKKEVDDALVEMHWVEGQNRDLMNQLCTYIRNQIFRLVAVNLEHH
HHHH
;
_entity_poly.pdbx_strand_id   A
#
# COMPACT_ATOMS: atom_id res chain seq x y z
N LYS A 2 2.45 -1.12 16.31
CA LYS A 2 2.65 0.32 16.35
C LYS A 2 2.81 0.92 14.94
N PRO A 3 1.75 0.88 14.14
CA PRO A 3 1.93 0.98 12.69
C PRO A 3 1.90 2.40 12.13
N ILE A 4 2.72 2.63 11.12
CA ILE A 4 2.55 3.83 10.31
C ILE A 4 1.21 3.76 9.63
N THR A 5 0.54 4.90 9.49
CA THR A 5 -0.73 4.93 8.78
C THR A 5 -0.79 6.12 7.84
N PHE A 6 -1.75 6.04 6.92
CA PHE A 6 -2.15 7.18 6.10
C PHE A 6 -3.51 6.85 5.49
N VAL A 7 -4.41 7.82 5.54
CA VAL A 7 -5.76 7.69 4.98
C VAL A 7 -5.69 7.81 3.46
N VAL A 8 -6.52 7.07 2.75
CA VAL A 8 -6.92 7.42 1.40
C VAL A 8 -8.35 7.92 1.48
N LEU A 9 -8.56 9.18 1.12
CA LEU A 9 -9.90 9.78 1.19
C LEU A 9 -10.88 9.12 0.21
N ALA A 10 -12.17 9.07 0.63
CA ALA A 10 -13.21 8.41 -0.15
C ALA A 10 -13.34 8.97 -1.56
N SER A 11 -12.87 10.21 -1.78
CA SER A 11 -12.76 10.76 -3.12
C SER A 11 -11.53 10.23 -3.84
N VAL A 12 -10.39 10.14 -3.17
CA VAL A 12 -9.24 9.53 -3.82
C VAL A 12 -9.56 8.09 -4.21
N MET A 13 -10.29 7.37 -3.37
CA MET A 13 -10.74 6.05 -3.80
C MET A 13 -11.55 6.14 -5.08
N LYS A 14 -12.60 6.97 -5.08
CA LYS A 14 -13.41 7.13 -6.28
C LYS A 14 -12.53 7.36 -7.52
N GLU A 15 -11.52 8.20 -7.41
CA GLU A 15 -10.66 8.41 -8.56
C GLU A 15 -9.82 7.18 -8.88
N LEU A 16 -9.38 6.44 -7.86
CA LEU A 16 -8.65 5.21 -8.16
C LEU A 16 -9.53 4.19 -8.85
N SER A 17 -10.81 4.08 -8.45
CA SER A 17 -11.73 3.19 -9.15
C SER A 17 -11.83 3.54 -10.62
N LEU A 18 -12.16 4.80 -10.91
CA LEU A 18 -12.22 5.25 -12.30
C LEU A 18 -10.96 4.85 -13.06
N LYS A 19 -9.79 5.04 -12.46
CA LYS A 19 -8.58 4.67 -13.19
C LYS A 19 -8.50 3.17 -13.41
N ALA A 20 -9.04 2.38 -12.46
CA ALA A 20 -9.02 0.91 -12.56
C ALA A 20 -9.91 0.41 -13.69
N SER A 21 -11.01 1.09 -13.96
CA SER A 21 -11.76 0.80 -15.17
C SER A 21 -12.55 2.05 -15.58
N PRO A 22 -12.01 2.85 -16.50
CA PRO A 22 -12.75 4.02 -16.95
C PRO A 22 -14.04 3.67 -17.69
N LEU A 23 -14.04 2.62 -18.50
CA LEU A 23 -15.18 2.35 -19.36
C LEU A 23 -16.31 1.57 -18.67
N ARG A 24 -16.11 1.11 -17.44
CA ARG A 24 -17.15 0.48 -16.63
C ARG A 24 -17.31 1.29 -15.36
N SER A 25 -18.10 0.77 -14.42
CA SER A 25 -18.43 1.56 -13.25
C SER A 25 -18.72 0.66 -12.05
N GLU A 26 -18.50 1.22 -10.86
CA GLU A 26 -19.00 0.69 -9.58
C GLU A 26 -18.74 -0.80 -9.43
N THR A 27 -17.50 -1.21 -9.72
CA THR A 27 -17.21 -2.65 -9.78
C THR A 27 -16.93 -3.24 -8.41
N ALA A 28 -15.83 -2.83 -7.76
CA ALA A 28 -15.28 -3.50 -6.60
C ALA A 28 -15.19 -2.55 -5.41
N GLU A 29 -15.24 -3.13 -4.20
CA GLU A 29 -15.16 -2.36 -2.93
C GLU A 29 -14.08 -1.28 -3.06
N GLY A 30 -14.08 -0.31 -2.15
CA GLY A 30 -13.09 0.79 -2.18
C GLY A 30 -11.73 0.36 -1.67
N ILE A 31 -11.70 -0.39 -0.58
CA ILE A 31 -10.40 -0.85 0.02
C ILE A 31 -9.77 -1.91 -0.91
N VAL A 32 -10.59 -2.67 -1.63
CA VAL A 32 -10.05 -3.70 -2.55
C VAL A 32 -9.34 -2.99 -3.71
N VAL A 33 -10.01 -1.98 -4.29
CA VAL A 33 -9.42 -1.20 -5.41
C VAL A 33 -8.05 -0.67 -4.97
N VAL A 34 -8.03 0.08 -3.87
CA VAL A 34 -6.77 0.67 -3.32
C VAL A 34 -5.71 -0.42 -3.21
N THR A 35 -6.04 -1.54 -2.57
CA THR A 35 -5.08 -2.63 -2.37
C THR A 35 -4.47 -3.06 -3.70
N THR A 36 -5.30 -3.28 -4.71
CA THR A 36 -4.74 -3.71 -5.99
C THR A 36 -3.91 -2.61 -6.65
N TRP A 37 -4.08 -1.34 -6.26
CA TRP A 37 -3.14 -0.32 -6.72
C TRP A 37 -1.85 -0.36 -5.92
N ILE A 38 -1.92 -0.62 -4.62
CA ILE A 38 -0.68 -0.87 -3.89
C ILE A 38 0.04 -2.10 -4.46
N GLU A 39 -0.73 -3.14 -4.84
CA GLU A 39 -0.11 -4.32 -5.43
C GLU A 39 0.59 -3.98 -6.73
N LYS A 40 -0.02 -3.10 -7.54
CA LYS A 40 0.64 -2.63 -8.75
C LYS A 40 1.93 -1.88 -8.41
N ILE A 41 1.88 -1.01 -7.41
CA ILE A 41 3.04 -0.20 -7.07
C ILE A 41 4.19 -1.07 -6.59
N LEU A 42 3.87 -2.10 -5.80
CA LEU A 42 4.92 -2.94 -5.23
C LEU A 42 5.54 -3.80 -6.30
N THR A 43 4.72 -4.48 -7.13
CA THR A 43 5.32 -5.33 -8.16
C THR A 43 6.26 -4.51 -9.05
N ASP A 44 5.89 -3.26 -9.35
CA ASP A 44 6.77 -2.40 -10.13
C ASP A 44 8.12 -2.20 -9.46
N LEU A 45 8.17 -2.18 -8.12
CA LEU A 45 9.43 -2.18 -7.39
C LEU A 45 10.05 -3.56 -7.27
N LYS A 46 9.44 -4.58 -7.88
CA LYS A 46 9.89 -5.97 -7.72
C LYS A 46 10.00 -6.33 -6.23
N VAL A 47 9.13 -5.75 -5.44
CA VAL A 47 8.87 -6.16 -4.07
C VAL A 47 7.99 -7.41 -4.12
N GLN A 48 8.32 -8.41 -3.31
CA GLN A 48 7.49 -9.59 -3.20
C GLN A 48 6.32 -9.35 -2.25
N HIS A 49 5.13 -9.80 -2.65
CA HIS A 49 4.00 -9.67 -1.72
C HIS A 49 2.96 -10.74 -2.01
N LYS A 50 2.19 -11.09 -0.99
CA LYS A 50 1.10 -12.04 -1.10
C LYS A 50 -0.03 -11.52 -0.23
N ARG A 51 -1.27 -11.69 -0.67
CA ARG A 51 -2.42 -11.43 0.19
C ARG A 51 -2.57 -12.50 1.27
N VAL A 52 -2.81 -12.08 2.49
CA VAL A 52 -2.88 -13.00 3.61
C VAL A 52 -4.28 -12.93 4.20
N PRO A 53 -4.70 -13.99 4.91
CA PRO A 53 -5.94 -13.90 5.68
C PRO A 53 -5.95 -12.65 6.55
N CYS A 54 -7.12 -12.03 6.64
CA CYS A 54 -7.26 -10.75 7.31
C CYS A 54 -8.61 -10.72 8.02
N GLY A 55 -8.99 -9.52 8.48
CA GLY A 55 -10.29 -9.31 9.07
C GLY A 55 -11.37 -9.15 8.02
N LYS A 56 -12.61 -9.09 8.52
CA LYS A 56 -13.78 -9.03 7.64
C LYS A 56 -13.85 -7.69 6.90
N GLU A 57 -13.33 -6.63 7.48
CA GLU A 57 -13.48 -5.31 6.90
C GLU A 57 -12.14 -4.69 6.51
N GLU A 58 -11.23 -5.51 5.96
CA GLU A 58 -9.90 -5.08 5.51
C GLU A 58 -9.35 -6.05 4.46
N VAL A 59 -8.34 -5.60 3.72
CA VAL A 59 -7.51 -6.45 2.88
C VAL A 59 -6.06 -6.29 3.31
N SER A 60 -5.30 -7.39 3.34
CA SER A 60 -3.93 -7.36 3.84
C SER A 60 -2.95 -7.87 2.80
N LEU A 61 -1.83 -7.17 2.66
CA LEU A 61 -0.65 -7.65 1.96
C LEU A 61 0.45 -7.98 2.95
N PHE A 62 1.09 -9.12 2.79
CA PHE A 62 2.37 -9.37 3.42
C PHE A 62 3.46 -9.15 2.38
N LEU A 63 4.46 -8.34 2.71
CA LEU A 63 5.46 -8.02 1.71
C LEU A 63 6.87 -8.19 2.28
N THR A 64 7.78 -8.48 1.37
CA THR A 64 9.18 -8.77 1.67
C THR A 64 9.98 -7.89 0.75
N ALA A 65 10.64 -6.87 1.30
CA ALA A 65 11.55 -6.03 0.53
C ALA A 65 12.98 -6.31 1.00
N ILE A 66 13.94 -5.89 0.19
CA ILE A 66 15.36 -6.09 0.49
C ILE A 66 16.02 -4.73 0.70
N GLU A 67 16.95 -4.67 1.65
CA GLU A 67 17.63 -3.42 1.96
C GLU A 67 19.13 -3.65 1.86
N ASN A 68 19.86 -2.60 1.51
CA ASN A 68 21.31 -2.67 1.52
C ASN A 68 21.85 -1.59 2.44
N SER A 69 22.77 -1.98 3.34
CA SER A 69 23.40 -1.08 4.30
C SER A 69 24.89 -1.21 4.12
N TRP A 70 25.47 -0.29 3.35
CA TRP A 70 26.88 -0.25 3.02
C TRP A 70 27.52 0.96 3.69
N ILE A 71 28.80 1.18 3.41
CA ILE A 71 29.62 2.13 4.16
C ILE A 71 29.88 3.38 3.33
N HIS A 72 29.59 4.55 3.92
CA HIS A 72 30.20 5.85 3.61
C HIS A 72 29.84 6.36 2.21
N LEU A 73 28.55 6.68 2.04
CA LEU A 73 28.04 7.43 0.88
C LEU A 73 28.99 8.52 0.40
N GLN A 107 21.17 -6.94 0.00
CA GLN A 107 21.87 -7.23 1.24
C GLN A 107 21.05 -7.80 2.44
N TYR A 108 20.05 -7.09 2.97
CA TYR A 108 19.25 -7.61 4.08
C TYR A 108 17.76 -7.55 3.77
N LEU A 109 17.00 -8.48 4.33
CA LEU A 109 15.55 -8.56 3.98
C LEU A 109 14.66 -8.04 5.11
N PHE A 110 13.69 -7.17 4.78
CA PHE A 110 12.74 -6.73 5.78
C PHE A 110 11.32 -7.06 5.34
N LYS A 111 10.43 -7.10 6.34
CA LYS A 111 9.11 -7.72 6.23
C LYS A 111 8.04 -6.84 6.86
N CYS A 112 6.92 -6.66 6.15
CA CYS A 112 5.84 -5.74 6.53
C CYS A 112 4.49 -6.30 6.19
N LEU A 113 3.51 -5.98 7.04
CA LEU A 113 2.11 -6.23 6.77
C LEU A 113 1.40 -4.90 6.46
N ILE A 114 0.92 -4.77 5.22
CA ILE A 114 0.02 -3.67 4.88
C ILE A 114 -1.41 -4.13 5.05
N ASN A 115 -2.16 -3.43 5.91
CA ASN A 115 -3.61 -3.53 5.99
C ASN A 115 -4.26 -2.34 5.30
N VAL A 116 -5.27 -2.60 4.48
CA VAL A 116 -6.08 -1.53 3.92
C VAL A 116 -7.47 -1.68 4.53
N LYS A 117 -7.76 -0.85 5.52
CA LYS A 117 -9.05 -0.99 6.26
C LYS A 117 -9.96 0.22 6.00
N LYS A 118 -11.25 -0.08 5.93
CA LYS A 118 -12.28 0.93 5.67
C LYS A 118 -12.58 1.54 7.03
N GLU A 119 -12.13 2.76 7.20
CA GLU A 119 -12.31 3.49 8.46
C GLU A 119 -13.18 4.68 8.09
N VAL A 120 -14.26 4.90 8.81
CA VAL A 120 -15.20 6.01 8.49
C VAL A 120 -15.63 5.83 7.05
N ASP A 121 -15.35 6.82 6.21
CA ASP A 121 -15.85 6.72 4.85
C ASP A 121 -14.69 6.39 3.93
N ASP A 122 -13.50 6.73 4.40
CA ASP A 122 -12.26 6.62 3.67
C ASP A 122 -11.58 5.28 3.96
N ALA A 123 -10.34 5.15 3.48
CA ALA A 123 -9.54 3.96 3.67
C ALA A 123 -8.34 4.29 4.54
N LEU A 124 -8.13 3.48 5.57
CA LEU A 124 -6.94 3.58 6.39
C LEU A 124 -5.93 2.56 5.90
N VAL A 125 -4.73 3.02 5.60
CA VAL A 125 -3.61 2.13 5.23
C VAL A 125 -2.73 2.01 6.46
N GLU A 126 -2.67 0.83 7.07
CA GLU A 126 -1.68 0.56 8.12
C GLU A 126 -0.52 -0.23 7.55
N MET A 127 0.69 0.12 7.97
CA MET A 127 1.87 -0.69 7.68
C MET A 127 2.53 -1.09 9.00
N HIS A 128 2.73 -2.38 9.18
CA HIS A 128 3.35 -2.94 10.38
C HIS A 128 4.71 -3.48 10.04
N TRP A 129 5.72 -3.00 10.74
CA TRP A 129 7.06 -3.57 10.64
C TRP A 129 7.13 -4.92 11.38
N VAL A 130 7.54 -5.96 10.69
CA VAL A 130 7.55 -7.32 11.23
C VAL A 130 8.96 -7.81 11.50
N GLU A 131 9.87 -7.60 10.55
CA GLU A 131 11.21 -8.18 10.61
C GLU A 131 12.17 -7.32 9.80
N GLY A 132 13.40 -7.15 10.30
CA GLY A 132 14.46 -6.48 9.56
C GLY A 132 15.28 -5.55 10.42
N GLN A 133 16.22 -4.83 9.82
CA GLN A 133 17.15 -4.02 10.63
C GLN A 133 16.65 -2.59 10.85
N ASN A 134 16.51 -1.81 9.79
CA ASN A 134 16.23 -0.39 9.90
C ASN A 134 14.72 -0.18 9.83
N ARG A 135 14.07 -0.04 10.99
CA ARG A 135 12.62 0.18 11.02
C ARG A 135 12.24 1.39 10.21
N ASP A 136 13.17 2.35 10.06
CA ASP A 136 12.93 3.59 9.34
C ASP A 136 12.86 3.39 7.83
N LEU A 137 13.13 2.17 7.35
CA LEU A 137 12.90 1.93 5.95
C LEU A 137 11.43 1.73 5.65
N MET A 138 10.63 1.33 6.65
CA MET A 138 9.17 1.31 6.48
C MET A 138 8.65 2.69 6.10
N ASN A 139 9.01 3.71 6.87
CA ASN A 139 8.64 5.07 6.51
C ASN A 139 9.06 5.42 5.10
N GLN A 140 10.24 4.96 4.68
CA GLN A 140 10.67 5.22 3.31
C GLN A 140 9.72 4.57 2.30
N LEU A 141 9.40 3.28 2.52
CA LEU A 141 8.50 2.55 1.64
C LEU A 141 7.07 3.10 1.72
N CYS A 142 6.63 3.44 2.93
CA CYS A 142 5.28 3.97 3.12
C CYS A 142 5.14 5.33 2.49
N THR A 143 6.11 6.21 2.74
CA THR A 143 6.09 7.52 2.08
C THR A 143 6.14 7.36 0.57
N TYR A 144 6.87 6.34 0.07
CA TYR A 144 6.92 6.17 -1.37
C TYR A 144 5.58 5.73 -1.91
N ILE A 145 4.99 4.68 -1.30
CA ILE A 145 3.72 4.14 -1.80
C ILE A 145 2.64 5.22 -1.83
N ARG A 146 2.39 5.84 -0.68
CA ARG A 146 1.42 6.92 -0.60
C ARG A 146 1.72 8.02 -1.63
N ASN A 147 3.00 8.29 -1.87
CA ASN A 147 3.36 9.23 -2.92
C ASN A 147 2.95 8.69 -4.28
N GLN A 148 3.24 7.41 -4.52
CA GLN A 148 2.87 6.82 -5.80
C GLN A 148 1.36 6.87 -6.00
N ILE A 149 0.57 6.67 -4.93
CA ILE A 149 -0.88 6.71 -5.07
C ILE A 149 -1.32 8.05 -5.62
N PHE A 150 -0.76 9.13 -5.08
CA PHE A 150 -1.26 10.44 -5.47
C PHE A 150 -0.74 10.86 -6.84
N ARG A 151 0.39 10.33 -7.28
CA ARG A 151 0.71 10.55 -8.68
C ARG A 151 -0.38 9.96 -9.59
N LEU A 152 -0.81 8.73 -9.30
CA LEU A 152 -1.87 8.10 -10.08
C LEU A 152 -3.14 8.96 -10.13
N VAL A 153 -3.49 9.60 -9.00
CA VAL A 153 -4.73 10.36 -8.94
C VAL A 153 -4.64 11.70 -9.66
N ALA A 154 -3.43 12.23 -9.90
CA ALA A 154 -3.25 13.37 -10.82
C ALA A 154 -3.24 12.87 -12.28
N VAL A 155 -4.38 12.29 -12.67
CA VAL A 155 -4.65 11.75 -14.00
C VAL A 155 -5.62 12.72 -14.66
N ASN A 156 -5.55 13.98 -14.26
CA ASN A 156 -6.52 14.97 -14.67
C ASN A 156 -6.00 15.77 -15.87
#